data_4W5V
#
_entry.id   4W5V
#
_cell.length_a   161.273
_cell.length_b   35.272
_cell.length_c   58.672
_cell.angle_alpha   90.00
_cell.angle_beta   96.69
_cell.angle_gamma   90.00
#
_symmetry.space_group_name_H-M   'C 1 2 1'
#
loop_
_entity.id
_entity.type
_entity.pdbx_description
1 polymer 'SUMO-conjugating enzyme UBC9'
2 polymer 'SUMO-activating enzyme subunit 2'
3 non-polymer 'FORMIC ACID'
4 non-polymer GLYCEROL
5 non-polymer 'POTASSIUM ION'
6 water water
#
loop_
_entity_poly.entity_id
_entity_poly.type
_entity_poly.pdbx_seq_one_letter_code
_entity_poly.pdbx_strand_id
1 'polypeptide(L)'
;GPLGSMSGIALSRLAQERKAWRKDHPFGFVAVPTKNPDGTMNLMNWECAIPGKKGTPWEGGLFKLRMLFKDDYPSSPPKC
KFEPPLFHPNVYPSGTVCLSILEEDKDWRPAITIKQILLGIQELLNEPNIQDPAQAEAYTIYCQNRVEYEKRVRAQAKKF
APS
;
A
2 'polypeptide(L)'
;GPLGSASKPEVTVRLNVHKVTVLTLQDKIVKEKFAMVAPDVQIEDGKGTILISSEEGETEANNHKKLSEFGIRNGSRLQA
DDFLQDYTLLINILHSEDLGKDVEFEVVGDAPEKVGPKQAED
;
B
#
loop_
_chem_comp.id
_chem_comp.type
_chem_comp.name
_chem_comp.formula
FMT non-polymer 'FORMIC ACID' 'C H2 O2'
GOL non-polymer GLYCEROL 'C3 H8 O3'
K non-polymer 'POTASSIUM ION' 'K 1'
#
# COMPACT_ATOMS: atom_id res chain seq x y z
N MET A 6 -6.59 17.34 -0.44
CA MET A 6 -6.70 16.65 0.84
C MET A 6 -6.23 15.21 0.75
N SER A 7 -5.89 14.63 1.90
CA SER A 7 -5.49 13.23 1.96
C SER A 7 -6.70 12.33 1.82
N GLY A 8 -7.87 12.87 2.16
CA GLY A 8 -9.12 12.14 2.09
C GLY A 8 -9.41 11.63 0.69
N ILE A 9 -9.12 12.45 -0.31
CA ILE A 9 -9.27 12.05 -1.70
C ILE A 9 -8.24 10.99 -2.06
N ALA A 10 -7.01 11.20 -1.60
CA ALA A 10 -5.93 10.27 -1.85
C ALA A 10 -6.20 8.91 -1.21
N LEU A 11 -6.51 8.92 0.07
CA LEU A 11 -6.72 7.69 0.83
C LEU A 11 -7.94 6.91 0.34
N SER A 12 -8.93 7.62 -0.18
CA SER A 12 -10.11 6.98 -0.73
C SER A 12 -9.75 6.28 -2.03
N ARG A 13 -8.95 6.96 -2.85
CA ARG A 13 -8.47 6.39 -4.10
C ARG A 13 -7.52 5.22 -3.85
N LEU A 14 -6.67 5.36 -2.83
CA LEU A 14 -5.74 4.30 -2.46
C LEU A 14 -6.49 3.07 -1.94
N ALA A 15 -7.60 3.30 -1.26
CA ALA A 15 -8.42 2.22 -0.74
C ALA A 15 -9.01 1.40 -1.87
N GLN A 16 -9.40 2.09 -2.93
CA GLN A 16 -9.93 1.43 -4.12
C GLN A 16 -8.84 0.60 -4.79
N GLU A 17 -7.63 1.14 -4.80
CA GLU A 17 -6.49 0.49 -5.42
C GLU A 17 -6.13 -0.83 -4.73
N ARG A 18 -6.12 -0.81 -3.40
CA ARG A 18 -5.76 -2.00 -2.64
C ARG A 18 -6.78 -3.11 -2.79
N LYS A 19 -8.05 -2.75 -2.69
CA LYS A 19 -9.14 -3.72 -2.79
C LYS A 19 -9.21 -4.33 -4.18
N ALA A 20 -8.96 -3.51 -5.20
CA ALA A 20 -8.97 -3.97 -6.58
C ALA A 20 -7.77 -4.88 -6.86
N TRP A 21 -6.65 -4.58 -6.22
CA TRP A 21 -5.44 -5.38 -6.40
C TRP A 21 -5.58 -6.75 -5.75
N ARG A 22 -6.20 -6.78 -4.58
CA ARG A 22 -6.40 -8.03 -3.85
C ARG A 22 -7.35 -8.97 -4.57
N LYS A 23 -8.42 -8.40 -5.12
CA LYS A 23 -9.42 -9.19 -5.83
C LYS A 23 -8.91 -9.68 -7.18
N ASP A 24 -8.08 -8.86 -7.83
CA ASP A 24 -7.52 -9.22 -9.13
C ASP A 24 -6.22 -8.47 -9.43
N HIS A 25 -5.17 -9.23 -9.73
CA HIS A 25 -3.87 -8.65 -10.07
C HIS A 25 -3.06 -9.64 -10.90
N PRO A 26 -2.21 -9.12 -11.80
CA PRO A 26 -1.39 -9.97 -12.68
C PRO A 26 -0.46 -10.90 -11.91
N PHE A 27 -0.31 -12.12 -12.40
CA PHE A 27 0.52 -13.13 -11.74
C PHE A 27 1.98 -12.70 -11.68
N GLY A 28 2.63 -12.99 -10.55
CA GLY A 28 4.02 -12.67 -10.37
C GLY A 28 4.23 -11.33 -9.69
N PHE A 29 3.29 -10.42 -9.88
CA PHE A 29 3.36 -9.08 -9.30
C PHE A 29 2.98 -9.07 -7.83
N VAL A 30 3.58 -8.14 -7.08
CA VAL A 30 3.25 -7.95 -5.68
C VAL A 30 3.06 -6.46 -5.40
N ALA A 31 2.00 -6.13 -4.66
CA ALA A 31 1.76 -4.75 -4.25
C ALA A 31 1.03 -4.71 -2.91
N VAL A 32 1.75 -4.28 -1.88
CA VAL A 32 1.21 -4.27 -0.52
C VAL A 32 1.79 -3.12 0.28
N PRO A 33 0.91 -2.39 1.00
CA PRO A 33 1.33 -1.31 1.91
C PRO A 33 2.37 -1.78 2.90
N THR A 34 3.50 -1.07 2.97
CA THR A 34 4.59 -1.46 3.86
C THR A 34 4.16 -1.41 5.32
N LYS A 35 4.87 -2.16 6.16
CA LYS A 35 4.53 -2.22 7.58
C LYS A 35 5.23 -1.11 8.37
N ASN A 36 4.42 -0.33 9.09
CA ASN A 36 4.95 0.68 9.99
C ASN A 36 5.60 0.04 11.21
N PRO A 37 6.54 0.74 11.86
CA PRO A 37 7.23 0.23 13.04
C PRO A 37 6.28 -0.26 14.15
N ASP A 38 5.12 0.35 14.27
CA ASP A 38 4.15 -0.02 15.31
C ASP A 38 3.45 -1.33 14.98
N GLY A 39 3.61 -1.81 13.76
CA GLY A 39 3.00 -3.06 13.33
C GLY A 39 1.90 -2.83 12.31
N THR A 40 1.42 -1.60 12.21
CA THR A 40 0.40 -1.25 11.25
C THR A 40 0.98 -1.13 9.84
N MET A 41 0.14 -0.77 8.87
CA MET A 41 0.59 -0.61 7.50
C MET A 41 0.29 0.78 6.96
N ASN A 42 1.07 1.22 5.97
CA ASN A 42 0.94 2.55 5.42
C ASN A 42 0.39 2.53 3.99
N LEU A 43 -0.80 3.09 3.81
CA LEU A 43 -1.45 3.10 2.50
C LEU A 43 -0.72 3.99 1.49
N MET A 44 0.05 4.96 1.99
CA MET A 44 0.76 5.89 1.13
C MET A 44 2.15 5.39 0.79
N ASN A 45 2.54 4.27 1.39
CA ASN A 45 3.83 3.66 1.15
C ASN A 45 3.70 2.17 0.86
N TRP A 46 3.91 1.78 -0.39
CA TRP A 46 3.74 0.39 -0.80
C TRP A 46 5.06 -0.30 -1.14
N GLU A 47 5.16 -1.57 -0.75
CA GLU A 47 6.26 -2.42 -1.19
C GLU A 47 5.81 -3.24 -2.39
N CYS A 48 6.46 -3.03 -3.53
CA CYS A 48 6.07 -3.69 -4.77
C CYS A 48 7.15 -4.64 -5.29
N ALA A 49 6.74 -5.57 -6.14
CA ALA A 49 7.67 -6.51 -6.76
C ALA A 49 7.23 -6.85 -8.17
N ILE A 50 8.08 -6.54 -9.15
CA ILE A 50 7.76 -6.79 -10.55
C ILE A 50 8.52 -7.99 -11.10
N PRO A 51 7.78 -8.98 -11.63
CA PRO A 51 8.41 -10.14 -12.26
C PRO A 51 8.97 -9.81 -13.64
N GLY A 52 10.11 -10.39 -13.99
CA GLY A 52 10.71 -10.20 -15.29
C GLY A 52 9.84 -10.79 -16.38
N LYS A 53 9.80 -10.11 -17.53
CA LYS A 53 8.96 -10.55 -18.63
C LYS A 53 9.52 -11.81 -19.29
N LYS A 54 8.65 -12.78 -19.55
CA LYS A 54 9.06 -14.03 -20.17
C LYS A 54 9.47 -13.81 -21.62
N GLY A 55 10.56 -14.46 -22.03
CA GLY A 55 11.09 -14.30 -23.37
C GLY A 55 12.10 -13.17 -23.44
N THR A 56 12.33 -12.53 -22.30
CA THR A 56 13.26 -11.42 -22.22
C THR A 56 14.44 -11.81 -21.32
N PRO A 57 15.56 -11.08 -21.44
CA PRO A 57 16.69 -11.30 -20.52
C PRO A 57 16.34 -11.04 -19.06
N TRP A 58 15.24 -10.32 -18.83
CA TRP A 58 14.80 -10.00 -17.47
C TRP A 58 14.03 -11.17 -16.84
N GLU A 59 13.68 -12.15 -17.66
CA GLU A 59 12.89 -13.30 -17.20
C GLU A 59 13.59 -14.08 -16.09
N GLY A 60 12.83 -14.40 -15.05
CA GLY A 60 13.36 -15.17 -13.93
C GLY A 60 13.69 -14.31 -12.74
N GLY A 61 13.52 -13.00 -12.89
CA GLY A 61 13.85 -12.06 -11.82
C GLY A 61 12.64 -11.43 -11.18
N LEU A 62 12.69 -11.28 -9.86
CA LEU A 62 11.66 -10.56 -9.13
C LEU A 62 12.26 -9.28 -8.56
N PHE A 63 12.04 -8.18 -9.27
CA PHE A 63 12.65 -6.91 -8.92
C PHE A 63 11.73 -6.09 -8.02
N LYS A 64 12.25 -5.67 -6.86
CA LYS A 64 11.44 -5.00 -5.86
C LYS A 64 11.61 -3.49 -5.90
N LEU A 65 10.48 -2.78 -5.80
CA LEU A 65 10.50 -1.32 -5.76
C LEU A 65 9.50 -0.80 -4.72
N ARG A 66 9.55 0.50 -4.46
CA ARG A 66 8.66 1.11 -3.48
C ARG A 66 7.85 2.24 -4.09
N MET A 67 6.55 2.26 -3.79
CA MET A 67 5.68 3.35 -4.24
C MET A 67 5.42 4.34 -3.12
N LEU A 68 5.72 5.61 -3.38
CA LEU A 68 5.47 6.66 -2.41
C LEU A 68 4.41 7.63 -2.92
N PHE A 69 3.26 7.65 -2.25
CA PHE A 69 2.15 8.50 -2.66
C PHE A 69 2.12 9.80 -1.88
N LYS A 70 1.69 10.87 -2.55
CA LYS A 70 1.53 12.17 -1.91
C LYS A 70 0.07 12.42 -1.59
N ASP A 71 -0.20 13.48 -0.85
CA ASP A 71 -1.58 13.84 -0.51
C ASP A 71 -2.30 14.36 -1.75
N ASP A 72 -1.52 14.75 -2.76
CA ASP A 72 -2.07 15.29 -3.99
C ASP A 72 -2.64 14.19 -4.89
N TYR A 73 -2.20 12.95 -4.63
CA TYR A 73 -2.68 11.77 -5.35
C TYR A 73 -4.21 11.72 -5.34
N PRO A 74 -4.84 11.31 -6.46
CA PRO A 74 -4.22 10.85 -7.71
C PRO A 74 -3.90 11.95 -8.71
N SER A 75 -4.02 13.22 -8.30
CA SER A 75 -3.69 14.33 -9.19
C SER A 75 -2.20 14.29 -9.53
N SER A 76 -1.40 13.80 -8.60
CA SER A 76 0.03 13.64 -8.81
C SER A 76 0.42 12.16 -8.79
N PRO A 77 1.33 11.76 -9.68
CA PRO A 77 1.81 10.38 -9.73
C PRO A 77 2.69 10.04 -8.52
N PRO A 78 2.79 8.76 -8.17
CA PRO A 78 3.65 8.33 -7.06
C PRO A 78 5.11 8.27 -7.45
N LYS A 79 6.00 8.33 -6.47
CA LYS A 79 7.42 8.15 -6.72
C LYS A 79 7.76 6.66 -6.67
N CYS A 80 8.18 6.11 -7.81
CA CYS A 80 8.58 4.71 -7.86
C CYS A 80 10.08 4.58 -7.64
N LYS A 81 10.46 3.80 -6.63
CA LYS A 81 11.84 3.71 -6.21
C LYS A 81 12.29 2.25 -6.07
N PHE A 82 13.20 1.82 -6.94
CA PHE A 82 13.72 0.47 -6.87
C PHE A 82 14.62 0.28 -5.65
N GLU A 83 14.33 -0.77 -4.88
CA GLU A 83 15.13 -1.10 -3.70
C GLU A 83 15.47 -2.58 -3.71
N PRO A 84 16.73 -2.92 -4.00
CA PRO A 84 17.84 -2.00 -4.31
C PRO A 84 17.79 -1.49 -5.75
N PRO A 85 18.56 -0.43 -6.05
CA PRO A 85 18.65 0.11 -7.42
C PRO A 85 19.06 -0.96 -8.43
N LEU A 86 18.57 -0.83 -9.66
CA LEU A 86 18.84 -1.81 -10.71
C LEU A 86 19.73 -1.24 -11.82
N PHE A 87 20.34 -2.14 -12.58
CA PHE A 87 21.13 -1.77 -13.75
C PHE A 87 20.19 -1.54 -14.93
N HIS A 88 19.89 -0.27 -15.21
CA HIS A 88 18.96 0.08 -16.28
C HIS A 88 19.13 1.55 -16.66
N PRO A 89 19.12 1.83 -17.98
CA PRO A 89 19.29 3.18 -18.53
C PRO A 89 18.32 4.21 -17.95
N ASN A 90 17.06 3.82 -17.75
CA ASN A 90 16.05 4.74 -17.29
C ASN A 90 15.85 4.69 -15.78
N VAL A 91 16.83 4.15 -15.06
CA VAL A 91 16.78 4.11 -13.61
C VAL A 91 17.96 4.87 -13.01
N TYR A 92 17.65 5.95 -12.30
CA TYR A 92 18.66 6.76 -11.63
C TYR A 92 19.43 5.93 -10.61
N PRO A 93 20.71 6.26 -10.37
CA PRO A 93 21.55 5.57 -9.38
C PRO A 93 20.91 5.45 -8.00
N SER A 94 20.06 6.41 -7.64
CA SER A 94 19.35 6.35 -6.37
C SER A 94 18.38 5.18 -6.35
N GLY A 95 17.81 4.87 -7.51
CA GLY A 95 16.85 3.80 -7.64
C GLY A 95 15.54 4.31 -8.20
N THR A 96 15.44 5.63 -8.32
CA THR A 96 14.23 6.27 -8.82
C THR A 96 14.03 5.95 -10.30
N VAL A 97 12.77 5.70 -10.69
CA VAL A 97 12.44 5.35 -12.06
C VAL A 97 12.10 6.59 -12.89
N CYS A 98 12.76 6.71 -14.04
CA CYS A 98 12.47 7.80 -14.98
C CYS A 98 11.52 7.33 -16.07
N LEU A 99 10.23 7.37 -15.78
CA LEU A 99 9.21 6.95 -16.74
C LEU A 99 8.27 8.10 -17.05
N SER A 100 7.76 8.13 -18.28
CA SER A 100 6.93 9.22 -18.76
C SER A 100 5.62 9.35 -17.97
N ILE A 101 5.02 8.21 -17.63
CA ILE A 101 3.74 8.23 -16.91
C ILE A 101 3.92 8.50 -15.42
N LEU A 102 5.15 8.74 -15.00
CA LEU A 102 5.44 9.03 -13.59
C LEU A 102 5.65 10.52 -13.35
N GLU A 103 5.31 11.33 -14.36
CA GLU A 103 5.42 12.78 -14.23
C GLU A 103 4.10 13.44 -14.62
N GLU A 104 3.57 14.27 -13.73
CA GLU A 104 2.26 14.89 -13.94
C GLU A 104 2.27 15.90 -15.08
N ASP A 105 3.46 16.31 -15.52
CA ASP A 105 3.57 17.30 -16.58
C ASP A 105 3.45 16.68 -17.97
N LYS A 106 3.46 15.34 -18.03
CA LYS A 106 3.35 14.64 -19.31
C LYS A 106 2.91 13.20 -19.15
N ASP A 107 1.92 12.80 -19.94
CA ASP A 107 1.49 11.41 -20.06
C ASP A 107 1.06 10.76 -18.73
N TRP A 108 0.66 11.57 -17.76
CA TRP A 108 0.12 11.03 -16.52
C TRP A 108 -1.36 11.35 -16.35
N ARG A 109 -2.16 10.31 -16.18
CA ARG A 109 -3.59 10.47 -15.94
C ARG A 109 -3.92 9.95 -14.55
N PRO A 110 -4.69 10.74 -13.77
CA PRO A 110 -5.13 10.32 -12.43
C PRO A 110 -5.92 9.02 -12.42
N ALA A 111 -6.44 8.60 -13.58
CA ALA A 111 -7.23 7.38 -13.68
C ALA A 111 -6.35 6.14 -13.84
N ILE A 112 -5.04 6.34 -13.98
CA ILE A 112 -4.12 5.23 -14.14
C ILE A 112 -4.01 4.40 -12.87
N THR A 113 -4.23 3.09 -13.01
CA THR A 113 -4.19 2.17 -11.89
C THR A 113 -2.74 1.85 -11.51
N ILE A 114 -2.53 1.43 -10.26
CA ILE A 114 -1.22 0.96 -9.82
C ILE A 114 -0.75 -0.21 -10.68
N LYS A 115 -1.69 -1.07 -11.04
CA LYS A 115 -1.43 -2.19 -11.94
C LYS A 115 -0.83 -1.70 -13.26
N GLN A 116 -1.46 -0.69 -13.84
CA GLN A 116 -1.02 -0.12 -15.11
C GLN A 116 0.38 0.49 -14.99
N ILE A 117 0.74 0.94 -13.80
CA ILE A 117 2.07 1.47 -13.55
C ILE A 117 3.09 0.35 -13.49
N LEU A 118 2.79 -0.69 -12.71
CA LEU A 118 3.66 -1.84 -12.58
C LEU A 118 3.87 -2.55 -13.91
N LEU A 119 2.80 -2.63 -14.70
CA LEU A 119 2.87 -3.22 -16.03
C LEU A 119 3.64 -2.31 -16.98
N GLY A 120 3.61 -1.01 -16.69
CA GLY A 120 4.32 -0.04 -17.50
C GLY A 120 5.81 -0.08 -17.24
N ILE A 121 6.18 -0.17 -15.96
CA ILE A 121 7.58 -0.25 -15.57
C ILE A 121 8.20 -1.55 -16.06
N GLN A 122 7.41 -2.63 -16.05
CA GLN A 122 7.88 -3.94 -16.50
C GLN A 122 8.32 -3.91 -17.96
N GLU A 123 7.55 -3.20 -18.78
CA GLU A 123 7.87 -3.08 -20.21
C GLU A 123 9.09 -2.21 -20.40
N LEU A 124 9.25 -1.21 -19.53
CA LEU A 124 10.40 -0.31 -19.58
C LEU A 124 11.71 -1.05 -19.33
N LEU A 125 11.62 -2.13 -18.58
CA LEU A 125 12.79 -2.95 -18.27
C LEU A 125 13.40 -3.53 -19.54
N ASN A 126 12.59 -4.27 -20.29
CA ASN A 126 13.04 -4.89 -21.53
C ASN A 126 13.21 -3.88 -22.65
N GLU A 127 12.40 -2.82 -22.61
CA GLU A 127 12.42 -1.81 -23.67
C GLU A 127 12.71 -0.43 -23.11
N PRO A 128 14.00 -0.17 -22.78
CA PRO A 128 14.40 1.11 -22.20
C PRO A 128 14.30 2.28 -23.18
N ASN A 129 14.04 3.47 -22.66
CA ASN A 129 13.95 4.67 -23.49
C ASN A 129 15.29 5.39 -23.58
N ILE A 130 15.84 5.45 -24.79
CA ILE A 130 17.13 6.08 -25.01
C ILE A 130 17.04 7.60 -24.92
N GLN A 131 15.81 8.11 -24.97
CA GLN A 131 15.57 9.55 -24.99
C GLN A 131 15.96 10.22 -23.68
N ASP A 132 15.66 9.57 -22.56
CA ASP A 132 15.96 10.14 -21.24
C ASP A 132 16.86 9.23 -20.41
N PRO A 133 18.18 9.33 -20.62
CA PRO A 133 19.16 8.54 -19.86
C PRO A 133 19.22 8.97 -18.39
N ALA A 134 19.02 8.02 -17.48
CA ALA A 134 19.09 8.32 -16.06
C ALA A 134 20.40 7.82 -15.47
N GLN A 135 20.77 6.59 -15.82
CA GLN A 135 22.01 6.00 -15.33
C GLN A 135 23.13 6.18 -16.35
N ALA A 136 24.33 6.48 -15.85
CA ALA A 136 25.48 6.76 -16.72
C ALA A 136 25.97 5.53 -17.46
N GLU A 137 26.45 4.54 -16.69
CA GLU A 137 27.06 3.35 -17.27
C GLU A 137 26.07 2.47 -18.03
N ALA A 138 24.82 2.47 -17.57
CA ALA A 138 23.78 1.67 -18.21
C ALA A 138 23.48 2.18 -19.61
N TYR A 139 23.43 3.50 -19.76
CA TYR A 139 23.19 4.13 -21.05
C TYR A 139 24.39 3.92 -21.98
N THR A 140 25.58 3.87 -21.38
CA THR A 140 26.81 3.72 -22.15
C THR A 140 26.93 2.33 -22.78
N ILE A 141 26.84 1.31 -21.95
CA ILE A 141 26.98 -0.07 -22.41
C ILE A 141 25.88 -0.46 -23.39
N TYR A 142 24.68 0.10 -23.18
CA TYR A 142 23.54 -0.21 -24.03
C TYR A 142 23.76 0.29 -25.46
N CYS A 143 24.27 1.51 -25.60
CA CYS A 143 24.46 2.11 -26.92
C CYS A 143 25.78 1.70 -27.57
N GLN A 144 26.56 0.88 -26.86
CA GLN A 144 27.82 0.40 -27.39
C GLN A 144 27.83 -1.13 -27.47
N ASN A 145 28.35 -1.77 -26.41
CA ASN A 145 28.40 -3.22 -26.36
C ASN A 145 27.05 -3.82 -25.94
N ARG A 146 26.15 -3.97 -26.92
CA ARG A 146 24.82 -4.49 -26.65
C ARG A 146 24.88 -5.92 -26.11
N VAL A 147 25.86 -6.68 -26.58
CA VAL A 147 26.06 -8.05 -26.12
C VAL A 147 26.42 -8.06 -24.63
N GLU A 148 27.31 -7.15 -24.25
CA GLU A 148 27.71 -7.01 -22.86
C GLU A 148 26.52 -6.57 -22.00
N TYR A 149 25.70 -5.68 -22.54
CA TYR A 149 24.53 -5.17 -21.84
C TYR A 149 23.56 -6.28 -21.47
N GLU A 150 23.24 -7.13 -22.44
CA GLU A 150 22.31 -8.23 -22.22
C GLU A 150 22.86 -9.24 -21.22
N LYS A 151 24.18 -9.39 -21.19
CA LYS A 151 24.82 -10.30 -20.25
C LYS A 151 24.67 -9.76 -18.84
N ARG A 152 24.72 -8.44 -18.70
CA ARG A 152 24.53 -7.78 -17.41
C ARG A 152 23.11 -7.96 -16.91
N VAL A 153 22.16 -7.90 -17.84
CA VAL A 153 20.74 -8.04 -17.50
C VAL A 153 20.39 -9.46 -17.07
N ARG A 154 20.86 -10.43 -17.84
CA ARG A 154 20.61 -11.85 -17.54
C ARG A 154 21.25 -12.25 -16.20
N ALA A 155 22.44 -11.73 -15.95
CA ALA A 155 23.13 -11.99 -14.69
C ALA A 155 22.38 -11.33 -13.53
N GLN A 156 21.74 -10.20 -13.82
CA GLN A 156 20.99 -9.47 -12.81
C GLN A 156 19.64 -10.14 -12.53
N ALA A 157 19.03 -10.70 -13.56
CA ALA A 157 17.75 -11.38 -13.42
C ALA A 157 17.90 -12.63 -12.56
N LYS A 158 18.92 -13.42 -12.84
CA LYS A 158 19.19 -14.63 -12.06
C LYS A 158 19.70 -14.27 -10.67
N LYS A 159 20.27 -13.08 -10.53
CA LYS A 159 20.69 -12.58 -9.23
C LYS A 159 19.46 -12.30 -8.36
N PHE A 160 18.46 -11.67 -8.97
CA PHE A 160 17.21 -11.38 -8.27
C PHE A 160 16.15 -12.43 -8.56
N ALA A 161 16.58 -13.68 -8.65
CA ALA A 161 15.67 -14.80 -8.83
C ALA A 161 15.00 -15.16 -7.51
N PRO A 162 13.67 -15.26 -7.50
CA PRO A 162 12.89 -15.54 -6.28
C PRO A 162 13.19 -16.94 -5.73
N SER A 163 13.46 -17.00 -4.43
CA SER A 163 13.75 -18.26 -3.76
C SER A 163 13.52 -18.17 -2.26
N SER B 5 -25.16 13.54 -0.97
CA SER B 5 -23.74 13.24 -0.87
C SER B 5 -22.99 14.35 -0.14
N ALA B 6 -22.16 13.97 0.83
CA ALA B 6 -21.98 12.57 1.20
C ALA B 6 -22.02 12.41 2.71
N SER B 7 -22.97 11.60 3.19
CA SER B 7 -23.11 11.35 4.62
C SER B 7 -22.83 9.90 4.97
N LYS B 8 -21.56 9.58 5.20
CA LYS B 8 -21.15 8.24 5.58
C LYS B 8 -21.62 7.92 6.99
N PRO B 9 -22.20 6.71 7.18
CA PRO B 9 -22.69 6.27 8.50
C PRO B 9 -21.61 6.35 9.57
N GLU B 10 -21.90 7.07 10.64
CA GLU B 10 -20.90 7.35 11.67
C GLU B 10 -21.48 7.18 13.08
N VAL B 11 -20.77 6.44 13.91
CA VAL B 11 -21.23 6.16 15.28
C VAL B 11 -20.17 6.52 16.31
N THR B 12 -20.55 6.43 17.59
CA THR B 12 -19.63 6.70 18.69
C THR B 12 -19.61 5.53 19.66
N VAL B 13 -18.41 5.08 20.01
CA VAL B 13 -18.26 3.95 20.93
C VAL B 13 -17.41 4.32 22.13
N ARG B 14 -17.97 4.09 23.32
CA ARG B 14 -17.25 4.37 24.57
C ARG B 14 -16.51 3.12 25.07
N LEU B 15 -15.22 3.29 25.37
CA LEU B 15 -14.41 2.20 25.89
C LEU B 15 -13.12 2.75 26.51
N ASN B 16 -12.31 1.85 27.05
CA ASN B 16 -11.00 2.23 27.59
C ASN B 16 -9.90 1.78 26.64
N VAL B 17 -9.23 2.75 26.03
CA VAL B 17 -8.20 2.46 25.02
C VAL B 17 -6.99 1.73 25.60
N HIS B 18 -6.89 1.71 26.93
CA HIS B 18 -5.78 1.04 27.59
C HIS B 18 -6.15 -0.38 28.02
N LYS B 19 -7.41 -0.74 27.84
CA LYS B 19 -7.89 -2.06 28.25
C LYS B 19 -8.24 -2.94 27.05
N VAL B 20 -9.09 -2.43 26.17
CA VAL B 20 -9.51 -3.19 24.99
C VAL B 20 -8.35 -3.37 24.01
N THR B 21 -8.35 -4.50 23.31
CA THR B 21 -7.28 -4.81 22.36
C THR B 21 -7.77 -4.70 20.92
N VAL B 22 -6.85 -4.91 19.98
CA VAL B 22 -7.18 -4.86 18.57
C VAL B 22 -8.07 -6.04 18.16
N LEU B 23 -7.78 -7.21 18.73
CA LEU B 23 -8.55 -8.41 18.44
C LEU B 23 -9.99 -8.24 18.93
N THR B 24 -10.14 -7.69 20.12
CA THR B 24 -11.47 -7.40 20.67
C THR B 24 -12.16 -6.35 19.82
N LEU B 25 -11.38 -5.38 19.32
CA LEU B 25 -11.91 -4.38 18.41
C LEU B 25 -12.37 -5.04 17.11
N GLN B 26 -11.59 -6.00 16.65
CA GLN B 26 -11.90 -6.70 15.40
C GLN B 26 -13.12 -7.60 15.55
N ASP B 27 -13.00 -8.60 16.42
CA ASP B 27 -14.04 -9.61 16.58
C ASP B 27 -15.28 -9.09 17.31
N LYS B 28 -15.10 -8.67 18.56
CA LYS B 28 -16.22 -8.29 19.42
C LYS B 28 -16.97 -7.05 18.92
N ILE B 29 -16.24 -6.05 18.45
CA ILE B 29 -16.85 -4.77 18.10
C ILE B 29 -17.26 -4.65 16.64
N VAL B 30 -16.29 -4.61 15.74
CA VAL B 30 -16.55 -4.36 14.33
C VAL B 30 -17.32 -5.49 13.65
N LYS B 31 -16.91 -6.73 13.92
CA LYS B 31 -17.52 -7.89 13.26
C LYS B 31 -18.80 -8.35 13.95
N GLU B 32 -18.75 -8.53 15.27
CA GLU B 32 -19.89 -9.09 16.01
C GLU B 32 -21.03 -8.09 16.16
N LYS B 33 -20.71 -6.89 16.61
CA LYS B 33 -21.73 -5.87 16.88
C LYS B 33 -22.20 -5.16 15.63
N PHE B 34 -21.26 -4.70 14.81
CA PHE B 34 -21.59 -3.90 13.63
C PHE B 34 -21.76 -4.75 12.38
N ALA B 35 -21.79 -6.07 12.56
CA ALA B 35 -22.09 -7.02 11.50
C ALA B 35 -21.16 -6.90 10.29
N MET B 36 -19.88 -7.17 10.51
CA MET B 36 -18.92 -7.26 9.42
C MET B 36 -18.27 -8.65 9.40
N VAL B 37 -17.79 -9.06 8.22
CA VAL B 37 -17.20 -10.39 8.09
C VAL B 37 -15.69 -10.28 7.78
N ALA B 38 -15.34 -9.38 6.88
CA ALA B 38 -13.93 -9.14 6.55
C ALA B 38 -13.63 -7.65 6.55
N PRO B 39 -13.47 -7.07 7.76
CA PRO B 39 -13.28 -5.62 7.91
C PRO B 39 -11.83 -5.17 7.79
N ASP B 40 -11.63 -3.99 7.22
CA ASP B 40 -10.32 -3.34 7.21
C ASP B 40 -10.40 -2.03 7.98
N VAL B 41 -9.98 -2.06 9.24
CA VAL B 41 -10.06 -0.89 10.09
C VAL B 41 -8.85 0.02 9.90
N GLN B 42 -9.13 1.27 9.52
CA GLN B 42 -8.08 2.26 9.30
C GLN B 42 -8.18 3.40 10.28
N ILE B 43 -7.03 3.83 10.81
CA ILE B 43 -6.98 4.98 11.69
C ILE B 43 -6.93 6.28 10.88
N GLU B 44 -7.99 7.08 10.98
CA GLU B 44 -8.04 8.35 10.27
C GLU B 44 -7.04 9.34 10.87
N ASP B 45 -5.83 9.35 10.33
CA ASP B 45 -4.77 10.21 10.83
C ASP B 45 -4.11 10.99 9.70
N GLY B 46 -4.66 10.86 8.50
CA GLY B 46 -4.11 11.53 7.34
C GLY B 46 -2.82 10.89 6.87
N LYS B 47 -2.51 9.72 7.43
CA LYS B 47 -1.29 8.99 7.10
C LYS B 47 -1.62 7.66 6.42
N GLY B 48 -2.91 7.35 6.35
CA GLY B 48 -3.35 6.10 5.76
C GLY B 48 -2.91 4.90 6.59
N THR B 49 -2.94 5.08 7.90
CA THR B 49 -2.52 4.02 8.80
C THR B 49 -3.66 3.02 9.04
N ILE B 50 -3.49 1.81 8.52
CA ILE B 50 -4.48 0.75 8.70
C ILE B 50 -4.08 -0.18 9.84
N LEU B 51 -4.97 -0.29 10.83
CA LEU B 51 -4.70 -1.08 12.02
C LEU B 51 -5.05 -2.55 11.82
N ILE B 52 -6.24 -2.81 11.30
CA ILE B 52 -6.72 -4.17 11.09
C ILE B 52 -6.85 -4.50 9.60
N SER B 53 -6.25 -5.60 9.19
CA SER B 53 -6.31 -6.02 7.79
C SER B 53 -7.14 -7.30 7.63
N SER B 54 -7.99 -7.31 6.61
CA SER B 54 -8.81 -8.48 6.31
C SER B 54 -7.95 -9.65 5.87
N GLU B 55 -6.87 -9.35 5.17
CA GLU B 55 -5.95 -10.37 4.68
C GLU B 55 -5.23 -11.03 5.84
N GLU B 56 -5.38 -12.36 5.95
CA GLU B 56 -4.76 -13.11 7.04
C GLU B 56 -3.24 -13.14 6.92
N GLY B 57 -2.57 -12.98 8.05
CA GLY B 57 -1.12 -13.05 8.10
C GLY B 57 -0.44 -11.69 8.06
N GLU B 58 -1.21 -10.65 7.77
CA GLU B 58 -0.66 -9.29 7.68
C GLU B 58 -0.64 -8.59 9.02
N THR B 59 -1.80 -8.44 9.64
CA THR B 59 -1.90 -7.73 10.92
C THR B 59 -2.39 -8.62 12.04
N GLU B 60 -1.88 -9.85 12.08
CA GLU B 60 -2.26 -10.80 13.12
C GLU B 60 -1.32 -10.68 14.31
N ALA B 61 -0.35 -9.77 14.21
CA ALA B 61 0.63 -9.58 15.26
C ALA B 61 0.27 -8.38 16.14
N ASN B 62 -0.83 -7.71 15.79
CA ASN B 62 -1.28 -6.55 16.56
C ASN B 62 -2.46 -6.89 17.46
N ASN B 63 -2.96 -8.12 17.34
CA ASN B 63 -4.16 -8.54 18.05
C ASN B 63 -4.03 -8.47 19.57
N HIS B 64 -2.88 -8.91 20.09
CA HIS B 64 -2.68 -8.99 21.53
C HIS B 64 -2.44 -7.62 22.16
N LYS B 65 -1.93 -6.69 21.36
CA LYS B 65 -1.61 -5.34 21.86
C LYS B 65 -2.87 -4.50 22.07
N LYS B 66 -2.76 -3.51 22.93
CA LYS B 66 -3.87 -2.60 23.21
C LYS B 66 -3.93 -1.48 22.18
N LEU B 67 -5.10 -0.84 22.08
CA LEU B 67 -5.31 0.22 21.10
C LEU B 67 -4.41 1.43 21.36
N SER B 68 -4.19 1.73 22.63
CA SER B 68 -3.38 2.87 23.03
C SER B 68 -1.95 2.78 22.51
N GLU B 69 -1.50 1.55 22.27
CA GLU B 69 -0.15 1.31 21.78
C GLU B 69 0.00 1.74 20.31
N PHE B 70 -1.10 2.13 19.70
CA PHE B 70 -1.08 2.57 18.31
C PHE B 70 -1.47 4.04 18.21
N GLY B 71 -1.37 4.76 19.32
CA GLY B 71 -1.65 6.19 19.35
C GLY B 71 -3.14 6.49 19.42
N ILE B 72 -3.96 5.45 19.52
CA ILE B 72 -5.41 5.64 19.61
C ILE B 72 -5.78 6.25 20.94
N ARG B 73 -6.38 7.44 20.89
CA ARG B 73 -6.74 8.18 22.09
C ARG B 73 -8.21 8.58 22.09
N ASN B 74 -8.58 9.47 23.01
CA ASN B 74 -9.95 9.98 23.06
C ASN B 74 -10.25 10.91 21.90
N GLY B 75 -11.32 10.62 21.17
CA GLY B 75 -11.70 11.42 20.03
C GLY B 75 -11.10 10.91 18.73
N SER B 76 -10.47 9.75 18.80
CA SER B 76 -9.85 9.14 17.62
C SER B 76 -10.92 8.72 16.61
N ARG B 77 -10.56 8.72 15.34
CA ARG B 77 -11.49 8.41 14.26
C ARG B 77 -11.05 7.16 13.51
N LEU B 78 -11.92 6.14 13.50
CA LEU B 78 -11.60 4.89 12.83
C LEU B 78 -12.56 4.60 11.68
N GLN B 79 -12.01 4.20 10.54
CA GLN B 79 -12.82 3.85 9.38
C GLN B 79 -12.74 2.36 9.09
N ALA B 80 -13.83 1.65 9.34
CA ALA B 80 -13.89 0.22 9.09
C ALA B 80 -14.57 -0.07 7.75
N ASP B 81 -13.83 -0.73 6.85
CA ASP B 81 -14.36 -1.06 5.54
C ASP B 81 -14.39 -2.57 5.35
N ASP B 82 -15.57 -3.11 5.05
CA ASP B 82 -15.72 -4.54 4.82
C ASP B 82 -15.23 -4.90 3.42
N PHE B 83 -14.51 -6.00 3.33
CA PHE B 83 -13.92 -6.43 2.06
C PHE B 83 -14.90 -7.25 1.24
N LEU B 84 -15.88 -7.85 1.91
CA LEU B 84 -16.83 -8.73 1.25
C LEU B 84 -18.17 -8.06 0.96
N GLN B 85 -18.28 -6.78 1.34
CA GLN B 85 -19.49 -6.01 1.05
C GLN B 85 -19.20 -4.52 1.17
N ASP B 86 -19.93 -3.71 0.40
CA ASP B 86 -19.75 -2.26 0.41
C ASP B 86 -20.23 -1.66 1.73
N TYR B 87 -19.44 -1.85 2.78
CA TYR B 87 -19.80 -1.36 4.11
C TYR B 87 -18.64 -0.54 4.70
N THR B 88 -18.85 0.77 4.77
CA THR B 88 -17.88 1.66 5.41
C THR B 88 -18.51 2.30 6.65
N LEU B 89 -17.76 2.32 7.74
CA LEU B 89 -18.27 2.85 9.00
C LEU B 89 -17.23 3.68 9.74
N LEU B 90 -17.61 4.89 10.13
CA LEU B 90 -16.74 5.78 10.89
C LEU B 90 -17.03 5.67 12.37
N ILE B 91 -16.06 5.18 13.14
CA ILE B 91 -16.25 4.98 14.58
C ILE B 91 -15.44 5.99 15.39
N ASN B 92 -16.13 6.74 16.24
CA ASN B 92 -15.47 7.70 17.12
C ASN B 92 -15.16 7.07 18.47
N ILE B 93 -14.02 7.45 19.03
CA ILE B 93 -13.58 6.88 20.31
C ILE B 93 -13.78 7.85 21.46
N LEU B 94 -14.75 7.54 22.32
CA LEU B 94 -14.95 8.32 23.54
C LEU B 94 -14.38 7.55 24.73
N HIS B 95 -13.17 7.90 25.12
CA HIS B 95 -12.46 7.18 26.18
C HIS B 95 -13.14 7.36 27.53
N SER B 96 -13.66 6.26 28.06
CA SER B 96 -14.29 6.27 29.38
C SER B 96 -13.81 5.06 30.19
N GLU B 97 -13.31 5.33 31.39
CA GLU B 97 -12.76 4.28 32.24
C GLU B 97 -13.81 3.70 33.17
N ASP B 98 -14.84 4.49 33.47
CA ASP B 98 -15.93 4.04 34.33
C ASP B 98 -17.03 3.37 33.51
N LEU B 99 -17.03 2.04 33.52
CA LEU B 99 -18.02 1.28 32.74
C LEU B 99 -18.94 0.45 33.65
N GLY B 100 -18.36 -0.23 34.64
CA GLY B 100 -19.17 -0.90 35.65
C GLY B 100 -18.90 -2.38 35.89
N LYS B 101 -19.40 -3.21 34.98
CA LYS B 101 -19.40 -4.67 35.17
C LYS B 101 -18.06 -5.36 35.52
N ASP B 102 -16.94 -5.07 34.85
CA ASP B 102 -16.79 -4.06 33.81
C ASP B 102 -17.08 -4.64 32.43
N VAL B 103 -17.85 -3.89 31.64
CA VAL B 103 -18.09 -4.26 30.26
C VAL B 103 -16.92 -3.84 29.39
N GLU B 104 -16.89 -4.32 28.15
CA GLU B 104 -15.79 -4.03 27.24
C GLU B 104 -15.99 -2.69 26.53
N PHE B 105 -17.23 -2.44 26.10
CA PHE B 105 -17.54 -1.23 25.34
C PHE B 105 -19.04 -0.95 25.35
N GLU B 106 -19.42 0.17 24.74
CA GLU B 106 -20.83 0.50 24.56
C GLU B 106 -21.01 1.48 23.40
N VAL B 107 -21.94 1.18 22.52
CA VAL B 107 -22.22 2.03 21.37
C VAL B 107 -23.32 3.02 21.69
N VAL B 108 -23.07 4.30 21.41
CA VAL B 108 -24.06 5.34 21.64
C VAL B 108 -24.47 6.01 20.33
N GLY B 109 -25.57 5.54 19.74
CA GLY B 109 -26.30 4.40 20.26
C GLY B 109 -27.39 4.74 21.26
N ASP B 110 -28.23 3.76 21.59
CA ASP B 110 -28.12 2.44 21.00
C ASP B 110 -29.50 1.93 20.59
C FMT C . 22.40 12.29 -24.29
O1 FMT C . 23.02 11.95 -23.28
O2 FMT C . 22.09 11.52 -25.20
C1 GOL D . -25.73 0.89 11.67
O1 GOL D . -24.49 1.41 11.28
C2 GOL D . -25.52 -0.38 12.51
O2 GOL D . -24.28 -0.31 13.15
C3 GOL D . -26.62 -0.49 13.55
O3 GOL D . -26.51 0.57 14.48
K K E . -0.48 -14.45 14.44
#